data_8I3U
#
_entry.id   8I3U
#
_cell.length_a   1.00
_cell.length_b   1.00
_cell.length_c   1.00
_cell.angle_alpha   90.00
_cell.angle_beta   90.00
_cell.angle_gamma   90.00
#
_symmetry.space_group_name_H-M   'P 1'
#
loop_
_entity.id
_entity.type
_entity.pdbx_description
1 polymer 'Spike glycoprotein'
2 polymer 'Heavy chain of Fab 14B1'
3 polymer 'Light chain of Fab 14B1'
4 non-polymer 2-acetamido-2-deoxy-beta-D-glucopyranose
#
loop_
_entity_poly.entity_id
_entity_poly.type
_entity_poly.pdbx_seq_one_letter_code
_entity_poly.pdbx_strand_id
1 'polypeptide(L)'
;QCVNLTTRTQLPPAYTNSFTRGVYYPDKVFRSSVLHSTQDLFLPFFSNVTWFHAIHVSGTNGTKRFDNPVLPFNDGVYFA
STEKSNIIRGWIFGTTLDSKTQSLLIVNNATNVVIKVCEFQFCNDPFLGVYYHKNNKSWMESEFRVYSSANNCTFEYVSQ
PFLMDLEGKQGNFKNLREFVFKNIDGYFKIYSKHTPINLVRDLPQGFSALEPLVDLPIGINITRFQTLLALHRSYLTPGD
SSSGWTAGAAAYYVGYLQPRTFLLKYNENGTITDAVDCALDPLSETKCTLKSFTVEKGIYQTSNFRVQPTESIVRFPNIT
NLCPFGEVFNATRFASVYAWNRKRISNCVADYSVLYNSASFSTFKCYGVSPTKLNDLCFTNVYADSFVIRGDEVRQIAPG
QTGKIADYNYKLPDDFTGCVIAWNSNNLDSKVGGNYNYLYRLFRKSNLKPFERDISTEIYQAGSTPCNGVEGFNCYFPLQ
SYGFQPTNGVGYQPYRVVVLSFELLHAPATVCGPKKSTNLVKNKCVNFNFNGLTGTGVLTESNKKFLPFQQFGRDIADTT
DAVRDPQTLEILDITPCSFGGVSVITPGTNTSNQVAVLYQDVNCTEVPVAIHADQLTPTWRVYSTGSNVFQTRAGCLIGA
EHVNNSYECDIPIGAGICASYQTQTNSPASVASQSIIAYTMSLGAENSVAYSNNSIAIPTNFTISVTTEILPVSMTKTSV
DCTMYICGDSTECSNLLLQYGSFCTQLNRALTGIAVEQDKNTQEVFAQVKQIYKTPPIKDFGGFNFSQILPDPSKPSKRS
PIEDLLFNKVTLADAGFIKQYGDCLGDIAARDLICAQKFNGLTVLPPLLTDEMIAQYTSALLAGTITSGWTFGAGPALQI
PFPMQMAYRFNGIGVTQNVLYENQKLIANQFNSAIGKIQDSLSSTPSALGKLQDVVNQNAQALNTLVKQLSSNFGAISSV
LNDILSRLDPPEAEVQIDRLITGRLQSLQTYVTQQLIRAAEIRASANLAATKMSECVLGQSKRVDFCGKGYHLMSFPQSA
PHGVVFLHVTYVPAQEKNFTTAPAICHDGKAHFPREGVFVSNGTHWFVTQRNFYEPQIITTDNTFVSGNCDVVIGIVNNT
VYDPLQPELDSFKEELDKYFKNHTSPDVDLGDISGINASVVNIQKEIDRLNEVAKNLNESLIDLQELGKYEQYIKWPSGR
LVPRGSPGSGYIPEAPRDGQAYVRKDGEWVLLSTFLGHHHHHH
;
A
2 'polypeptide(L)'
;METDTLLLWVLLLWVPGSTGDEVQLVESGGGVVQPGGSLRLSCVASEFTIDDYAMHWVRQTPGKGLEWVSLISGDGGRTF
YADSVQGRFTISRDNSKNSLYLQMNSLRSDDIGLYYCAKGGIFYNPSRFYYPNGRLVGSAFDIWGQGTMVTVSS
;
H
3 'polypeptide(L)'
;METDTLLLWVLLLWVPGSTGDEIVMTQSPATLSVSPGERATLSCRASQNISANLAWYQQKPGQAPRLLIHGASTRATGVP
GRFSGSGSGTEFTLSISSLQSEDFAVYYCQHYNNWPPLTFGGGTKVEIKWY
;
L
#
loop_
_chem_comp.id
_chem_comp.type
_chem_comp.name
_chem_comp.formula
NAG D-saccharide, beta linking 2-acetamido-2-deoxy-beta-D-glucopyranose 'C8 H15 N O6'
#
# COMPACT_ATOMS: atom_id res chain seq x y z
N THR A 320 40.58 -3.40 -30.58
CA THR A 320 39.27 -3.99 -30.36
C THR A 320 39.06 -4.32 -28.88
N ASN A 321 38.43 -3.39 -28.16
CA ASN A 321 38.13 -3.57 -26.74
C ASN A 321 36.62 -3.57 -26.55
N LEU A 322 36.11 -4.62 -25.92
CA LEU A 322 34.67 -4.74 -25.74
C LEU A 322 34.20 -3.85 -24.59
N CYS A 323 32.94 -3.41 -24.69
CA CYS A 323 32.34 -2.63 -23.63
C CYS A 323 32.03 -3.52 -22.43
N PRO A 324 31.98 -2.93 -21.21
CA PRO A 324 31.73 -3.71 -19.99
C PRO A 324 30.28 -4.11 -19.80
N PHE A 325 29.72 -4.82 -20.80
CA PHE A 325 28.36 -5.34 -20.67
C PHE A 325 28.30 -6.46 -19.63
N GLY A 326 29.38 -7.23 -19.51
CA GLY A 326 29.38 -8.35 -18.58
C GLY A 326 29.22 -7.90 -17.13
N GLU A 327 29.88 -6.80 -16.76
CA GLU A 327 29.73 -6.28 -15.41
C GLU A 327 28.30 -5.82 -15.14
N VAL A 328 27.68 -5.14 -16.11
CA VAL A 328 26.35 -4.61 -15.90
C VAL A 328 25.32 -5.73 -15.82
N PHE A 329 25.38 -6.68 -16.75
CA PHE A 329 24.35 -7.72 -16.79
C PHE A 329 24.56 -8.77 -15.70
N ASN A 330 25.82 -9.12 -15.39
CA ASN A 330 26.12 -10.16 -14.43
C ASN A 330 26.52 -9.60 -13.07
N ALA A 331 26.09 -8.39 -12.74
CA ALA A 331 26.35 -7.84 -11.43
C ALA A 331 25.63 -8.66 -10.37
N THR A 332 26.33 -8.92 -9.25
CA THR A 332 25.73 -9.72 -8.19
C THR A 332 24.51 -9.04 -7.59
N ARG A 333 24.60 -7.74 -7.35
CA ARG A 333 23.51 -6.97 -6.74
C ARG A 333 23.07 -5.87 -7.70
N PHE A 334 21.76 -5.74 -7.86
CA PHE A 334 21.16 -4.70 -8.69
C PHE A 334 20.51 -3.64 -7.81
N ALA A 335 20.71 -2.38 -8.17
CA ALA A 335 20.19 -1.29 -7.37
C ALA A 335 18.67 -1.27 -7.39
N SER A 336 18.08 -0.71 -6.33
CA SER A 336 16.64 -0.64 -6.21
C SER A 336 16.05 0.19 -7.35
N VAL A 337 14.76 -0.06 -7.63
CA VAL A 337 14.10 0.63 -8.73
C VAL A 337 13.94 2.11 -8.44
N TYR A 338 13.64 2.48 -7.18
CA TYR A 338 13.42 3.88 -6.85
C TYR A 338 14.68 4.72 -7.07
N ALA A 339 15.84 4.11 -6.94
CA ALA A 339 17.11 4.73 -7.32
C ALA A 339 17.83 3.78 -8.28
N TRP A 340 17.48 3.89 -9.57
CA TRP A 340 18.02 2.98 -10.56
C TRP A 340 19.50 3.27 -10.81
N ASN A 341 20.30 2.22 -10.92
CA ASN A 341 21.72 2.39 -11.17
C ASN A 341 21.94 2.85 -12.61
N ARG A 342 22.80 3.84 -12.79
CA ARG A 342 23.07 4.40 -14.11
C ARG A 342 24.55 4.24 -14.45
N LYS A 343 24.82 3.68 -15.62
CA LYS A 343 26.18 3.46 -16.09
C LYS A 343 26.34 4.13 -17.45
N ARG A 344 27.44 4.87 -17.63
CA ARG A 344 27.72 5.56 -18.88
C ARG A 344 28.75 4.74 -19.65
N ILE A 345 28.36 4.28 -20.85
CA ILE A 345 29.22 3.46 -21.69
C ILE A 345 29.64 4.29 -22.90
N SER A 346 30.95 4.38 -23.12
CA SER A 346 31.49 5.14 -24.24
C SER A 346 32.92 4.70 -24.49
N ASN A 347 33.45 5.11 -25.65
CA ASN A 347 34.83 4.84 -26.04
C ASN A 347 35.15 3.35 -26.03
N CYS A 348 34.22 2.55 -26.53
CA CYS A 348 34.41 1.11 -26.59
C CYS A 348 33.52 0.52 -27.68
N VAL A 349 33.92 -0.64 -28.18
CA VAL A 349 33.11 -1.36 -29.16
C VAL A 349 32.13 -2.27 -28.42
N ALA A 350 30.85 -2.16 -28.76
CA ALA A 350 29.79 -2.89 -28.10
C ALA A 350 29.27 -4.00 -29.01
N ASP A 351 29.24 -5.23 -28.50
CA ASP A 351 28.74 -6.38 -29.23
C ASP A 351 27.29 -6.67 -28.82
N TYR A 352 26.38 -5.94 -29.46
CA TYR A 352 24.97 -6.07 -29.13
C TYR A 352 24.41 -7.42 -29.57
N SER A 353 25.04 -8.04 -30.57
CA SER A 353 24.55 -9.32 -31.06
C SER A 353 24.61 -10.40 -29.99
N VAL A 354 25.57 -10.30 -29.08
CA VAL A 354 25.71 -11.29 -28.01
C VAL A 354 24.49 -11.26 -27.10
N LEU A 355 24.00 -10.06 -26.79
CA LEU A 355 22.82 -9.94 -25.92
C LEU A 355 21.60 -10.57 -26.57
N TYR A 356 21.39 -10.33 -27.87
CA TYR A 356 20.22 -10.84 -28.53
C TYR A 356 20.30 -12.36 -28.75
N ASN A 357 21.51 -12.87 -29.00
CA ASN A 357 21.66 -14.30 -29.23
C ASN A 357 21.33 -15.09 -27.97
N SER A 358 21.67 -14.57 -26.80
CA SER A 358 21.35 -15.24 -25.54
C SER A 358 19.83 -15.34 -25.37
N ALA A 359 19.36 -16.52 -24.99
CA ALA A 359 17.95 -16.77 -24.80
C ALA A 359 17.48 -16.57 -23.36
N SER A 360 18.37 -16.14 -22.47
CA SER A 360 17.99 -15.91 -21.08
C SER A 360 16.98 -14.78 -20.97
N PHE A 361 17.15 -13.73 -21.77
CA PHE A 361 16.31 -12.55 -21.67
C PHE A 361 14.89 -12.88 -22.13
N SER A 362 13.92 -12.73 -21.22
CA SER A 362 12.53 -13.01 -21.57
C SER A 362 11.94 -11.91 -22.44
N THR A 363 12.23 -10.65 -22.12
CA THR A 363 11.69 -9.50 -22.83
C THR A 363 12.84 -8.70 -23.43
N PHE A 364 12.76 -8.44 -24.74
CA PHE A 364 13.77 -7.67 -25.46
C PHE A 364 13.11 -6.65 -26.37
N LYS A 365 12.15 -5.91 -25.83
CA LYS A 365 11.47 -4.88 -26.62
C LYS A 365 12.45 -3.75 -26.95
N CYS A 366 12.48 -3.35 -28.21
CA CYS A 366 13.37 -2.30 -28.69
C CYS A 366 12.55 -1.19 -29.34
N TYR A 367 12.85 0.06 -28.98
CA TYR A 367 12.11 1.21 -29.45
C TYR A 367 13.03 2.12 -30.25
N GLY A 368 12.57 2.52 -31.44
CA GLY A 368 13.29 3.46 -32.26
C GLY A 368 14.39 2.88 -33.12
N VAL A 369 14.63 1.58 -33.05
CA VAL A 369 15.68 0.94 -33.85
C VAL A 369 15.43 -0.56 -33.85
N SER A 370 15.88 -1.23 -34.90
CA SER A 370 15.80 -2.68 -34.99
C SER A 370 17.05 -3.33 -34.40
N PRO A 371 16.88 -4.39 -33.60
CA PRO A 371 18.07 -4.97 -32.93
C PRO A 371 19.14 -5.45 -33.89
N THR A 372 18.75 -6.06 -35.01
CA THR A 372 19.74 -6.56 -35.96
C THR A 372 20.57 -5.42 -36.55
N LYS A 373 19.93 -4.27 -36.78
CA LYS A 373 20.64 -3.10 -37.28
C LYS A 373 21.30 -2.30 -36.17
N LEU A 374 21.16 -2.72 -34.91
CA LEU A 374 21.68 -1.93 -33.79
C LEU A 374 23.20 -1.77 -33.88
N ASN A 375 23.91 -2.84 -34.26
CA ASN A 375 25.36 -2.76 -34.36
C ASN A 375 25.79 -1.87 -35.52
N ASP A 376 24.87 -1.55 -36.43
CA ASP A 376 25.18 -0.77 -37.61
C ASP A 376 25.04 0.74 -37.40
N LEU A 377 24.73 1.18 -36.18
CA LEU A 377 24.56 2.59 -35.88
C LEU A 377 25.48 2.97 -34.73
N CYS A 378 25.94 4.23 -34.74
CA CYS A 378 26.87 4.74 -33.76
C CYS A 378 26.18 5.76 -32.87
N PHE A 379 26.54 5.78 -31.59
CA PHE A 379 25.98 6.70 -30.62
C PHE A 379 27.10 7.29 -29.76
N THR A 380 26.86 8.50 -29.26
CA THR A 380 27.86 9.16 -28.42
C THR A 380 27.98 8.48 -27.07
N ASN A 381 26.84 8.21 -26.42
CA ASN A 381 26.83 7.58 -25.10
C ASN A 381 25.75 6.51 -25.06
N VAL A 382 25.99 5.47 -24.27
CA VAL A 382 24.97 4.46 -23.98
C VAL A 382 24.72 4.48 -22.49
N TYR A 383 23.52 4.84 -22.07
CA TYR A 383 23.15 4.87 -20.67
C TYR A 383 22.47 3.55 -20.32
N ALA A 384 23.05 2.80 -19.39
CA ALA A 384 22.48 1.56 -18.90
C ALA A 384 21.84 1.83 -17.54
N ASP A 385 20.51 1.76 -17.49
CA ASP A 385 19.75 1.93 -16.26
C ASP A 385 19.32 0.56 -15.78
N SER A 386 19.93 0.10 -14.68
CA SER A 386 19.70 -1.23 -14.15
C SER A 386 18.89 -1.14 -12.86
N PHE A 387 17.91 -2.03 -12.74
CA PHE A 387 17.11 -2.16 -11.53
C PHE A 387 16.43 -3.52 -11.56
N VAL A 388 15.59 -3.75 -10.54
CA VAL A 388 14.83 -4.98 -10.41
C VAL A 388 13.39 -4.64 -10.06
N ILE A 389 12.45 -5.17 -10.83
CA ILE A 389 11.03 -4.93 -10.62
C ILE A 389 10.28 -6.24 -10.74
N ARG A 390 9.07 -6.26 -10.19
CA ARG A 390 8.27 -7.47 -10.22
C ARG A 390 7.82 -7.79 -11.64
N GLY A 391 7.27 -9.00 -11.82
CA GLY A 391 6.98 -9.49 -13.15
C GLY A 391 5.92 -8.68 -13.88
N ASP A 392 4.85 -8.32 -13.17
CA ASP A 392 3.73 -7.64 -13.83
C ASP A 392 4.07 -6.20 -14.16
N GLU A 393 4.99 -5.60 -13.40
CA GLU A 393 5.33 -4.20 -13.57
C GLU A 393 6.40 -3.95 -14.63
N VAL A 394 6.93 -5.01 -15.24
CA VAL A 394 7.88 -4.79 -16.34
C VAL A 394 7.15 -4.24 -17.56
N ARG A 395 5.84 -4.43 -17.64
CA ARG A 395 5.06 -3.85 -18.72
C ARG A 395 5.11 -2.33 -18.68
N GLN A 396 5.20 -1.75 -17.46
CA GLN A 396 5.16 -0.31 -17.32
C GLN A 396 6.42 0.36 -17.84
N ILE A 397 7.46 -0.42 -18.16
CA ILE A 397 8.68 0.13 -18.72
C ILE A 397 8.50 0.22 -20.24
N ALA A 398 7.90 1.31 -20.70
CA ALA A 398 7.62 1.57 -22.10
C ALA A 398 7.20 3.01 -22.24
N PRO A 399 7.54 3.67 -23.34
CA PRO A 399 7.10 5.06 -23.53
C PRO A 399 5.57 5.16 -23.55
N GLY A 400 5.07 6.23 -22.94
CA GLY A 400 3.62 6.44 -22.88
C GLY A 400 2.89 5.39 -22.07
N GLN A 401 3.41 5.05 -20.90
CA GLN A 401 2.79 4.08 -20.01
C GLN A 401 2.57 4.67 -18.63
N THR A 402 1.56 4.14 -17.94
CA THR A 402 1.18 4.63 -16.62
C THR A 402 1.31 3.50 -15.60
N GLY A 403 1.59 3.89 -14.36
CA GLY A 403 1.80 2.94 -13.29
C GLY A 403 2.80 3.47 -12.30
N LYS A 404 2.97 2.73 -11.20
CA LYS A 404 3.88 3.17 -10.16
C LYS A 404 5.31 3.25 -10.66
N ILE A 405 5.81 2.16 -11.27
CA ILE A 405 7.18 2.16 -11.77
C ILE A 405 7.34 3.16 -12.89
N ALA A 406 6.34 3.26 -13.78
CA ALA A 406 6.44 4.18 -14.90
C ALA A 406 6.43 5.63 -14.45
N ASP A 407 5.50 5.97 -13.55
CA ASP A 407 5.31 7.38 -13.19
C ASP A 407 6.30 7.82 -12.13
N TYR A 408 6.34 7.12 -10.99
CA TYR A 408 7.01 7.63 -9.80
C TYR A 408 8.39 7.03 -9.58
N ASN A 409 8.80 6.03 -10.36
CA ASN A 409 10.09 5.38 -10.15
C ASN A 409 11.02 5.57 -11.34
N TYR A 410 10.58 5.22 -12.55
CA TYR A 410 11.41 5.32 -13.74
C TYR A 410 10.52 5.67 -14.92
N LYS A 411 10.73 6.86 -15.50
CA LYS A 411 9.87 7.38 -16.55
C LYS A 411 10.68 7.50 -17.84
N LEU A 412 10.29 6.72 -18.84
CA LEU A 412 10.92 6.83 -20.15
C LEU A 412 10.24 7.93 -20.96
N PRO A 413 11.00 8.66 -21.78
CA PRO A 413 10.38 9.67 -22.65
C PRO A 413 9.53 9.02 -23.73
N ASP A 414 8.54 9.79 -24.21
CA ASP A 414 7.68 9.29 -25.28
C ASP A 414 8.48 9.00 -26.54
N ASP A 415 9.40 9.90 -26.90
CA ASP A 415 10.32 9.68 -28.01
C ASP A 415 11.60 9.08 -27.44
N PHE A 416 11.63 7.76 -27.32
CA PHE A 416 12.74 7.05 -26.71
C PHE A 416 13.43 6.18 -27.74
N THR A 417 14.74 6.32 -27.85
CA THR A 417 15.56 5.56 -28.80
C THR A 417 16.46 4.63 -27.99
N GLY A 418 16.03 3.38 -27.83
CA GLY A 418 16.77 2.42 -27.05
C GLY A 418 16.01 1.12 -26.91
N CYS A 419 16.48 0.29 -25.98
CA CYS A 419 15.90 -1.01 -25.75
C CYS A 419 15.75 -1.27 -24.25
N VAL A 420 14.86 -2.20 -23.91
CA VAL A 420 14.64 -2.63 -22.54
C VAL A 420 14.78 -4.15 -22.50
N ILE A 421 15.60 -4.64 -21.58
CA ILE A 421 15.88 -6.07 -21.44
C ILE A 421 15.46 -6.50 -20.05
N ALA A 422 14.72 -7.59 -19.96
CA ALA A 422 14.26 -8.09 -18.67
C ALA A 422 14.39 -9.61 -18.64
N TRP A 423 14.84 -10.12 -17.49
CA TRP A 423 14.96 -11.56 -17.33
C TRP A 423 14.64 -11.97 -15.90
N ASN A 424 14.08 -13.16 -15.75
CA ASN A 424 13.70 -13.67 -14.43
C ASN A 424 14.95 -13.93 -13.59
N SER A 425 14.85 -13.61 -12.30
CA SER A 425 15.92 -13.83 -11.34
C SER A 425 15.37 -14.38 -10.03
N ASN A 426 14.51 -15.41 -10.12
CA ASN A 426 13.86 -15.93 -8.92
C ASN A 426 14.87 -16.51 -7.94
N ASN A 427 15.79 -17.35 -8.44
CA ASN A 427 16.75 -18.00 -7.55
C ASN A 427 17.78 -17.01 -7.02
N LEU A 428 18.19 -16.05 -7.85
CA LEU A 428 19.23 -15.11 -7.44
C LEU A 428 18.75 -14.22 -6.30
N ASP A 429 17.49 -13.77 -6.34
CA ASP A 429 16.97 -12.81 -5.38
C ASP A 429 16.19 -13.47 -4.25
N SER A 430 15.14 -14.22 -4.57
CA SER A 430 14.24 -14.73 -3.54
C SER A 430 14.97 -15.70 -2.61
N LYS A 431 14.58 -15.68 -1.34
CA LYS A 431 15.15 -16.54 -0.32
C LYS A 431 14.03 -17.32 0.36
N VAL A 432 14.42 -18.22 1.26
CA VAL A 432 13.41 -19.00 1.98
C VAL A 432 12.55 -18.09 2.84
N GLY A 433 13.17 -17.16 3.58
CA GLY A 433 12.41 -16.23 4.37
C GLY A 433 11.79 -15.12 3.53
N GLY A 434 12.36 -14.87 2.36
CA GLY A 434 11.88 -13.80 1.50
C GLY A 434 12.88 -12.67 1.36
N ASN A 435 13.08 -12.19 0.13
CA ASN A 435 14.04 -11.12 -0.13
C ASN A 435 13.31 -9.78 -0.04
N TYR A 436 13.53 -9.06 1.05
CA TYR A 436 12.91 -7.76 1.28
C TYR A 436 13.86 -6.60 1.04
N ASN A 437 15.00 -6.83 0.42
CA ASN A 437 15.98 -5.76 0.22
C ASN A 437 15.47 -4.72 -0.77
N TYR A 438 14.94 -5.17 -1.90
CA TYR A 438 14.49 -4.24 -2.94
C TYR A 438 13.24 -3.50 -2.49
N LEU A 439 13.16 -2.21 -2.82
CA LEU A 439 12.05 -1.37 -2.42
C LEU A 439 11.77 -0.35 -3.53
N TYR A 440 10.51 0.08 -3.61
CA TYR A 440 10.07 1.01 -4.63
C TYR A 440 9.28 2.15 -4.00
N ARG A 441 9.10 3.22 -4.78
CA ARG A 441 8.48 4.45 -4.31
C ARG A 441 6.98 4.37 -4.52
N LEU A 442 6.22 4.61 -3.44
CA LEU A 442 4.77 4.55 -3.54
C LEU A 442 4.17 5.87 -4.00
N PHE A 443 4.58 6.99 -3.39
CA PHE A 443 3.94 8.27 -3.61
C PHE A 443 4.94 9.30 -4.13
N ARG A 444 4.43 10.27 -4.88
CA ARG A 444 5.20 11.43 -5.30
C ARG A 444 4.23 12.56 -5.61
N LYS A 445 4.63 13.78 -5.28
CA LYS A 445 3.76 14.94 -5.47
C LYS A 445 3.44 15.16 -6.95
N SER A 446 4.43 15.03 -7.81
CA SER A 446 4.25 15.22 -9.25
C SER A 446 4.92 14.09 -10.01
N ASN A 447 4.37 13.76 -11.17
CA ASN A 447 4.91 12.68 -11.98
C ASN A 447 6.32 13.00 -12.43
N LEU A 448 7.17 11.97 -12.45
CA LEU A 448 8.56 12.17 -12.82
C LEU A 448 8.70 12.55 -14.29
N LYS A 449 9.57 13.51 -14.56
CA LYS A 449 9.96 13.83 -15.92
C LYS A 449 10.85 12.72 -16.46
N PRO A 450 10.97 12.60 -17.78
CA PRO A 450 11.80 11.53 -18.35
C PRO A 450 13.23 11.57 -17.84
N PHE A 451 13.76 10.39 -17.50
CA PHE A 451 15.12 10.24 -17.00
C PHE A 451 15.38 11.10 -15.78
N GLU A 452 14.42 11.16 -14.86
CA GLU A 452 14.57 11.88 -13.60
C GLU A 452 14.50 10.89 -12.44
N ARG A 453 15.44 11.01 -11.52
CA ARG A 453 15.54 10.15 -10.36
C ARG A 453 15.55 10.99 -9.09
N ASP A 454 14.70 10.63 -8.12
CA ASP A 454 14.64 11.32 -6.84
C ASP A 454 14.75 10.28 -5.74
N ILE A 455 15.66 10.50 -4.80
CA ILE A 455 15.92 9.57 -3.71
C ILE A 455 15.52 10.15 -2.35
N SER A 456 14.90 11.33 -2.34
CA SER A 456 14.49 11.95 -1.08
C SER A 456 13.39 11.13 -0.43
N THR A 457 13.48 10.99 0.90
CA THR A 457 12.52 10.21 1.67
C THR A 457 11.68 11.09 2.59
N GLU A 458 11.30 12.28 2.13
CA GLU A 458 10.41 13.14 2.92
C GLU A 458 9.06 12.46 3.10
N ILE A 459 8.48 12.63 4.30
CA ILE A 459 7.19 12.03 4.59
C ILE A 459 6.14 12.62 3.67
N TYR A 460 5.60 11.79 2.78
CA TYR A 460 4.61 12.25 1.83
C TYR A 460 3.31 12.64 2.55
N GLN A 461 2.69 13.71 2.07
CA GLN A 461 1.44 14.21 2.63
C GLN A 461 0.32 13.99 1.63
N ALA A 462 -0.78 13.38 2.08
CA ALA A 462 -1.94 13.15 1.23
C ALA A 462 -2.91 14.32 1.27
N GLY A 463 -2.61 15.38 2.00
CA GLY A 463 -3.42 16.57 2.00
C GLY A 463 -4.19 16.74 3.29
N SER A 464 -4.71 17.95 3.50
CA SER A 464 -5.65 18.31 4.57
C SER A 464 -4.97 18.37 5.94
N THR A 465 -3.70 18.02 6.03
CA THR A 465 -2.96 18.08 7.29
C THR A 465 -1.46 17.94 7.06
N PRO A 466 -0.66 18.88 7.55
CA PRO A 466 0.79 18.66 7.57
C PRO A 466 1.21 17.99 8.86
N CYS A 467 2.01 16.93 8.73
CA CYS A 467 2.40 16.13 9.88
C CYS A 467 3.75 16.54 10.48
N ASN A 468 4.39 17.57 9.94
CA ASN A 468 5.70 18.02 10.43
C ASN A 468 6.73 16.89 10.35
N GLY A 469 6.67 16.11 9.28
CA GLY A 469 7.59 15.00 9.11
C GLY A 469 7.42 13.88 10.11
N VAL A 470 6.17 13.53 10.44
CA VAL A 470 5.86 12.45 11.36
C VAL A 470 4.87 11.52 10.67
N GLU A 471 5.18 10.22 10.65
CA GLU A 471 4.29 9.26 10.02
C GLU A 471 2.93 9.24 10.72
N GLY A 472 1.87 9.20 9.94
CA GLY A 472 0.55 9.27 10.50
C GLY A 472 -0.50 8.68 9.58
N PHE A 473 -1.74 9.16 9.74
CA PHE A 473 -2.84 8.62 8.97
C PHE A 473 -2.66 8.83 7.47
N ASN A 474 -2.65 10.10 7.04
CA ASN A 474 -2.46 10.42 5.63
C ASN A 474 -1.01 10.70 5.26
N CYS A 475 -0.10 10.63 6.22
CA CYS A 475 1.31 10.87 5.98
C CYS A 475 2.04 9.54 5.94
N TYR A 476 2.53 9.17 4.76
CA TYR A 476 3.11 7.86 4.52
C TYR A 476 4.56 8.00 4.09
N PHE A 477 5.40 7.09 4.56
CA PHE A 477 6.75 6.98 4.04
C PHE A 477 6.68 6.52 2.58
N PRO A 478 7.46 7.13 1.68
CA PRO A 478 7.26 6.85 0.25
C PRO A 478 7.71 5.48 -0.20
N LEU A 479 8.61 4.83 0.53
CA LEU A 479 9.26 3.61 0.06
C LEU A 479 8.65 2.38 0.73
N GLN A 480 8.31 1.38 -0.07
CA GLN A 480 7.83 0.09 0.41
C GLN A 480 8.63 -1.03 -0.26
N SER A 481 8.95 -2.06 0.53
CA SER A 481 9.87 -3.10 0.11
C SER A 481 9.12 -4.27 -0.53
N TYR A 482 9.65 -4.77 -1.65
CA TYR A 482 9.08 -5.94 -2.28
C TYR A 482 9.21 -7.16 -1.39
N GLY A 483 8.17 -7.99 -1.37
CA GLY A 483 8.27 -9.29 -0.73
C GLY A 483 8.44 -10.38 -1.76
N PHE A 484 9.68 -10.86 -1.93
CA PHE A 484 9.98 -11.85 -2.97
C PHE A 484 10.08 -13.23 -2.32
N GLN A 485 8.93 -13.87 -2.17
CA GLN A 485 8.89 -15.25 -1.71
C GLN A 485 9.35 -16.19 -2.83
N PRO A 486 9.90 -17.35 -2.48
CA PRO A 486 10.45 -18.22 -3.53
C PRO A 486 9.39 -18.91 -4.36
N THR A 487 8.24 -19.24 -3.76
CA THR A 487 7.21 -20.03 -4.43
C THR A 487 6.01 -19.19 -4.86
N ASN A 488 6.12 -17.86 -4.85
CA ASN A 488 5.01 -17.02 -5.25
C ASN A 488 4.78 -17.11 -6.76
N GLY A 489 3.70 -16.48 -7.22
CA GLY A 489 3.34 -16.54 -8.61
C GLY A 489 4.33 -15.83 -9.51
N VAL A 490 4.17 -16.07 -10.81
CA VAL A 490 5.09 -15.50 -11.80
C VAL A 490 5.01 -13.97 -11.79
N GLY A 491 3.86 -13.42 -11.42
CA GLY A 491 3.73 -11.97 -11.38
C GLY A 491 4.64 -11.32 -10.36
N TYR A 492 4.81 -11.97 -9.21
CA TYR A 492 5.60 -11.40 -8.12
C TYR A 492 7.06 -11.82 -8.16
N GLN A 493 7.45 -12.70 -9.07
CA GLN A 493 8.85 -13.12 -9.14
C GLN A 493 9.73 -11.95 -9.60
N PRO A 494 10.95 -11.86 -9.10
CA PRO A 494 11.79 -10.69 -9.41
C PRO A 494 12.36 -10.78 -10.81
N TYR A 495 12.06 -9.76 -11.62
CA TYR A 495 12.62 -9.61 -12.96
C TYR A 495 13.67 -8.51 -12.90
N ARG A 496 14.89 -8.82 -13.31
CA ARG A 496 15.91 -7.80 -13.43
C ARG A 496 15.83 -7.14 -14.79
N VAL A 497 15.88 -5.80 -14.82
CA VAL A 497 15.64 -5.01 -16.01
C VAL A 497 16.81 -4.06 -16.22
N VAL A 498 17.29 -4.00 -17.45
CA VAL A 498 18.31 -3.05 -17.88
C VAL A 498 17.77 -2.29 -19.09
N VAL A 499 17.77 -0.97 -19.02
CA VAL A 499 17.32 -0.11 -20.09
C VAL A 499 18.56 0.50 -20.73
N LEU A 500 18.79 0.18 -22.00
CA LEU A 500 19.91 0.72 -22.75
C LEU A 500 19.39 1.87 -23.61
N SER A 501 19.72 3.09 -23.22
CA SER A 501 19.31 4.28 -23.96
C SER A 501 20.50 4.82 -24.72
N PHE A 502 20.40 4.84 -26.05
CA PHE A 502 21.49 5.32 -26.90
C PHE A 502 21.24 6.80 -27.20
N GLU A 503 22.21 7.64 -26.85
CA GLU A 503 22.07 9.08 -27.03
C GLU A 503 23.26 9.63 -27.79
N LEU A 504 22.99 10.23 -28.95
CA LEU A 504 24.00 10.97 -29.69
C LEU A 504 23.84 12.47 -29.37
N LEU A 505 24.47 12.85 -28.25
CA LEU A 505 24.25 14.19 -27.70
C LEU A 505 24.70 15.27 -28.68
N HIS A 506 25.83 15.09 -29.33
CA HIS A 506 26.34 16.09 -30.26
C HIS A 506 27.11 15.36 -31.37
N ALA A 507 27.92 16.13 -32.10
CA ALA A 507 28.62 15.58 -33.27
C ALA A 507 29.51 14.39 -32.97
N PRO A 508 30.40 14.41 -31.96
CA PRO A 508 31.29 13.26 -31.77
C PRO A 508 30.54 12.02 -31.33
N ALA A 509 30.92 10.89 -31.91
CA ALA A 509 30.34 9.59 -31.59
C ALA A 509 31.48 8.61 -31.33
N THR A 510 31.43 7.94 -30.17
CA THR A 510 32.50 7.03 -29.77
C THR A 510 32.10 5.57 -29.71
N VAL A 511 30.80 5.27 -29.65
CA VAL A 511 30.32 3.89 -29.52
C VAL A 511 29.83 3.43 -30.88
N CYS A 512 30.37 2.31 -31.36
CA CYS A 512 29.96 1.72 -32.62
C CYS A 512 30.07 0.20 -32.53
N GLY A 513 29.40 -0.48 -33.44
CA GLY A 513 29.48 -1.92 -33.50
C GLY A 513 30.77 -2.40 -34.12
N PRO A 514 31.04 -3.69 -33.97
CA PRO A 514 32.27 -4.26 -34.53
C PRO A 514 32.24 -4.25 -36.05
N LYS A 515 33.44 -4.17 -36.64
CA LYS A 515 33.58 -4.17 -38.10
C LYS A 515 33.64 -5.59 -38.63
N GLU B 22 -18.51 10.44 -4.48
CA GLU B 22 -17.66 10.08 -3.36
C GLU B 22 -17.03 8.71 -3.56
N VAL B 23 -15.95 8.45 -2.84
CA VAL B 23 -15.29 7.14 -2.89
C VAL B 23 -16.19 6.12 -2.21
N GLN B 24 -16.43 4.99 -2.88
CA GLN B 24 -17.44 4.04 -2.43
C GLN B 24 -16.85 2.65 -2.29
N LEU B 25 -17.44 1.87 -1.38
CA LEU B 25 -17.16 0.44 -1.25
C LEU B 25 -18.50 -0.29 -1.22
N VAL B 26 -18.69 -1.23 -2.13
CA VAL B 26 -19.94 -1.98 -2.25
C VAL B 26 -19.63 -3.46 -2.08
N GLU B 27 -20.31 -4.10 -1.12
CA GLU B 27 -20.04 -5.48 -0.79
C GLU B 27 -21.21 -6.38 -1.14
N SER B 28 -20.94 -7.66 -1.28
CA SER B 28 -21.98 -8.65 -1.58
C SER B 28 -21.47 -10.03 -1.20
N GLY B 29 -22.38 -11.00 -1.26
CA GLY B 29 -22.04 -12.38 -0.96
C GLY B 29 -22.39 -12.84 0.44
N GLY B 30 -22.71 -11.93 1.35
CA GLY B 30 -23.10 -12.32 2.68
C GLY B 30 -24.58 -12.68 2.76
N GLY B 31 -24.89 -13.64 3.62
CA GLY B 31 -26.27 -14.08 3.77
C GLY B 31 -26.43 -15.04 4.92
N VAL B 32 -27.68 -15.44 5.14
CA VAL B 32 -28.01 -16.40 6.20
C VAL B 32 -27.47 -17.77 5.82
N VAL B 33 -26.94 -18.49 6.82
CA VAL B 33 -26.38 -19.82 6.60
C VAL B 33 -26.48 -20.60 7.90
N GLN B 34 -26.57 -21.92 7.80
CA GLN B 34 -26.54 -22.80 8.95
C GLN B 34 -25.12 -22.88 9.52
N PRO B 35 -24.99 -23.23 10.80
CA PRO B 35 -23.66 -23.33 11.39
C PRO B 35 -22.80 -24.37 10.68
N GLY B 36 -21.51 -24.09 10.60
CA GLY B 36 -20.57 -24.98 9.94
C GLY B 36 -20.50 -24.85 8.44
N GLY B 37 -21.23 -23.91 7.84
CA GLY B 37 -21.23 -23.74 6.41
C GLY B 37 -20.06 -22.90 5.94
N SER B 38 -20.11 -22.55 4.64
CA SER B 38 -19.08 -21.74 4.01
C SER B 38 -19.73 -20.54 3.33
N LEU B 39 -19.08 -19.39 3.44
CA LEU B 39 -19.54 -18.17 2.79
C LEU B 39 -18.35 -17.40 2.27
N ARG B 40 -18.57 -16.63 1.21
CA ARG B 40 -17.54 -15.80 0.60
C ARG B 40 -18.09 -14.40 0.41
N LEU B 41 -17.35 -13.39 0.87
CA LEU B 41 -17.76 -12.00 0.75
C LEU B 41 -16.83 -11.29 -0.23
N SER B 42 -17.41 -10.51 -1.13
CA SER B 42 -16.66 -9.77 -2.14
C SER B 42 -16.99 -8.29 -2.02
N CYS B 43 -15.95 -7.48 -1.87
CA CYS B 43 -16.07 -6.04 -1.71
C CYS B 43 -15.37 -5.35 -2.87
N VAL B 44 -16.08 -4.44 -3.54
CA VAL B 44 -15.60 -3.76 -4.74
C VAL B 44 -15.43 -2.29 -4.44
N ALA B 45 -14.30 -1.72 -4.85
CA ALA B 45 -13.93 -0.34 -4.57
C ALA B 45 -14.22 0.52 -5.80
N SER B 46 -14.92 1.63 -5.60
CA SER B 46 -15.30 2.54 -6.67
C SER B 46 -14.74 3.92 -6.41
N GLU B 47 -14.20 4.54 -7.47
CA GLU B 47 -13.70 5.91 -7.50
C GLU B 47 -12.36 6.09 -6.80
N PHE B 48 -11.59 5.01 -6.64
CA PHE B 48 -10.19 5.09 -6.21
C PHE B 48 -9.54 3.73 -6.42
N THR B 49 -8.26 3.66 -6.09
CA THR B 49 -7.46 2.46 -6.30
C THR B 49 -6.98 1.92 -4.96
N ILE B 50 -6.98 0.60 -4.82
CA ILE B 50 -6.56 -0.07 -3.59
C ILE B 50 -5.25 -0.82 -3.78
N ASP B 51 -4.42 -0.40 -4.73
CA ASP B 51 -3.20 -1.15 -5.04
C ASP B 51 -2.24 -1.19 -3.85
N ASP B 52 -2.08 -0.07 -3.16
CA ASP B 52 -1.08 0.04 -2.10
C ASP B 52 -1.65 -0.11 -0.70
N TYR B 53 -2.89 0.33 -0.48
CA TYR B 53 -3.45 0.32 0.86
C TYR B 53 -3.67 -1.10 1.36
N ALA B 54 -3.58 -1.27 2.68
CA ALA B 54 -3.84 -2.54 3.33
C ALA B 54 -5.30 -2.56 3.77
N MET B 55 -6.13 -3.29 3.04
CA MET B 55 -7.57 -3.31 3.29
C MET B 55 -7.90 -4.23 4.45
N HIS B 56 -8.97 -3.90 5.16
CA HIS B 56 -9.39 -4.63 6.36
C HIS B 56 -10.80 -5.16 6.18
N TRP B 57 -11.09 -6.24 6.89
CA TRP B 57 -12.45 -6.72 7.10
C TRP B 57 -12.76 -6.59 8.58
N VAL B 58 -13.79 -5.82 8.91
CA VAL B 58 -14.12 -5.46 10.28
C VAL B 58 -15.55 -5.91 10.58
N ARG B 59 -15.73 -6.66 11.66
CA ARG B 59 -17.04 -7.20 12.03
C ARG B 59 -17.66 -6.33 13.11
N GLN B 60 -18.86 -5.83 12.86
CA GLN B 60 -19.65 -5.13 13.85
C GLN B 60 -20.81 -6.02 14.26
N THR B 61 -20.67 -6.68 15.41
CA THR B 61 -21.77 -7.48 15.95
C THR B 61 -22.83 -6.55 16.55
N PRO B 62 -24.10 -6.75 16.22
CA PRO B 62 -25.15 -5.92 16.83
C PRO B 62 -25.14 -6.04 18.34
N GLY B 63 -25.25 -4.91 19.02
CA GLY B 63 -25.09 -4.86 20.45
C GLY B 63 -23.65 -4.83 20.93
N LYS B 64 -22.69 -4.86 20.01
CA LYS B 64 -21.27 -4.83 20.34
C LYS B 64 -20.57 -3.81 19.47
N GLY B 65 -19.41 -3.36 19.94
CA GLY B 65 -18.63 -2.41 19.19
C GLY B 65 -17.93 -3.05 17.99
N LEU B 66 -17.31 -2.21 17.18
CA LEU B 66 -16.59 -2.69 16.01
C LEU B 66 -15.45 -3.60 16.44
N GLU B 67 -15.25 -4.67 15.66
CA GLU B 67 -14.21 -5.66 15.94
C GLU B 67 -13.41 -5.92 14.67
N TRP B 68 -12.12 -5.60 14.70
CA TRP B 68 -11.25 -5.92 13.59
C TRP B 68 -11.10 -7.42 13.45
N VAL B 69 -11.25 -7.93 12.23
CA VAL B 69 -11.27 -9.35 11.96
C VAL B 69 -10.08 -9.78 11.10
N SER B 70 -9.91 -9.16 9.94
CA SER B 70 -8.88 -9.63 9.02
C SER B 70 -8.19 -8.47 8.32
N LEU B 71 -6.96 -8.71 7.90
CA LEU B 71 -6.14 -7.73 7.21
C LEU B 71 -5.41 -8.40 6.06
N ILE B 72 -5.14 -7.62 5.01
CA ILE B 72 -4.35 -8.07 3.87
C ILE B 72 -3.39 -6.95 3.50
N SER B 73 -2.20 -7.33 3.03
CA SER B 73 -1.20 -6.35 2.66
C SER B 73 -1.58 -5.68 1.34
N GLY B 74 -0.72 -4.74 0.91
CA GLY B 74 -0.95 -4.11 -0.38
C GLY B 74 -0.78 -5.07 -1.54
N ASP B 75 0.25 -5.91 -1.50
CA ASP B 75 0.51 -6.90 -2.53
C ASP B 75 -0.07 -8.27 -2.19
N GLY B 76 -0.70 -8.42 -1.04
CA GLY B 76 -1.27 -9.68 -0.64
C GLY B 76 -0.28 -10.67 -0.06
N GLY B 77 1.00 -10.31 0.01
CA GLY B 77 2.00 -11.24 0.53
C GLY B 77 1.83 -11.51 2.02
N ARG B 78 1.53 -10.47 2.79
CA ARG B 78 1.46 -10.57 4.25
C ARG B 78 0.02 -10.38 4.68
N THR B 79 -0.57 -11.42 5.28
CA THR B 79 -1.96 -11.38 5.72
C THR B 79 -2.04 -11.69 7.21
N PHE B 80 -2.79 -10.87 7.93
CA PHE B 80 -2.99 -11.03 9.37
C PHE B 80 -4.47 -11.31 9.65
N TYR B 81 -4.72 -12.02 10.74
CA TYR B 81 -6.08 -12.33 11.16
C TYR B 81 -6.20 -12.13 12.67
N ALA B 82 -7.44 -11.95 13.12
CA ALA B 82 -7.69 -11.87 14.55
C ALA B 82 -7.43 -13.20 15.22
N ASP B 83 -7.19 -13.16 16.54
CA ASP B 83 -6.87 -14.38 17.27
C ASP B 83 -8.03 -15.37 17.23
N SER B 84 -9.27 -14.87 17.22
CA SER B 84 -10.43 -15.76 17.24
C SER B 84 -10.64 -16.45 15.90
N VAL B 85 -10.40 -15.74 14.80
CA VAL B 85 -10.75 -16.22 13.47
C VAL B 85 -9.53 -16.41 12.58
N GLN B 86 -8.36 -16.68 13.18
CA GLN B 86 -7.16 -16.90 12.36
C GLN B 86 -7.18 -18.28 11.71
N GLY B 87 -7.80 -19.26 12.37
CA GLY B 87 -7.79 -20.61 11.85
C GLY B 87 -8.61 -20.77 10.58
N ARG B 88 -9.74 -20.08 10.49
CA ARG B 88 -10.75 -20.36 9.47
C ARG B 88 -10.74 -19.34 8.34
N PHE B 89 -10.88 -18.05 8.65
CA PHE B 89 -11.04 -17.03 7.62
C PHE B 89 -9.76 -16.87 6.80
N THR B 90 -9.92 -16.68 5.50
CA THR B 90 -8.81 -16.42 4.59
C THR B 90 -9.17 -15.23 3.71
N ILE B 91 -8.27 -14.24 3.66
CA ILE B 91 -8.51 -13.00 2.93
C ILE B 91 -7.58 -12.94 1.72
N SER B 92 -8.12 -12.53 0.58
CA SER B 92 -7.34 -12.35 -0.64
C SER B 92 -7.78 -11.06 -1.31
N ARG B 93 -6.92 -10.52 -2.16
CA ARG B 93 -7.23 -9.27 -2.86
C ARG B 93 -6.92 -9.45 -4.35
N ASP B 94 -7.65 -8.71 -5.18
CA ASP B 94 -7.45 -8.69 -6.62
C ASP B 94 -7.34 -7.23 -7.04
N ASN B 95 -6.11 -6.77 -7.23
CA ASN B 95 -5.89 -5.37 -7.59
C ASN B 95 -6.36 -5.07 -9.00
N SER B 96 -6.22 -6.03 -9.91
CA SER B 96 -6.66 -5.83 -11.28
C SER B 96 -8.17 -5.62 -11.36
N LYS B 97 -8.93 -6.39 -10.59
CA LYS B 97 -10.37 -6.28 -10.55
C LYS B 97 -10.86 -5.33 -9.46
N ASN B 98 -9.95 -4.77 -8.65
CA ASN B 98 -10.30 -3.89 -7.54
C ASN B 98 -11.31 -4.55 -6.61
N SER B 99 -10.93 -5.69 -6.05
CA SER B 99 -11.84 -6.45 -5.21
C SER B 99 -11.10 -7.05 -4.03
N LEU B 100 -11.87 -7.35 -2.98
CA LEU B 100 -11.37 -7.99 -1.78
C LEU B 100 -12.29 -9.14 -1.43
N TYR B 101 -11.74 -10.33 -1.23
CA TYR B 101 -12.53 -11.52 -0.99
C TYR B 101 -12.19 -12.10 0.37
N LEU B 102 -13.22 -12.47 1.13
CA LEU B 102 -13.06 -13.12 2.42
C LEU B 102 -13.79 -14.46 2.37
N GLN B 103 -13.04 -15.55 2.48
CA GLN B 103 -13.60 -16.90 2.40
C GLN B 103 -13.84 -17.43 3.82
N MET B 104 -15.02 -17.13 4.33
CA MET B 104 -15.41 -17.61 5.66
C MET B 104 -15.68 -19.11 5.63
N ASN B 105 -15.27 -19.80 6.70
CA ASN B 105 -15.49 -21.23 6.83
C ASN B 105 -15.78 -21.55 8.29
N SER B 106 -16.66 -22.54 8.49
CA SER B 106 -17.00 -23.04 9.82
C SER B 106 -17.42 -21.90 10.75
N LEU B 107 -18.51 -21.22 10.38
CA LEU B 107 -18.97 -20.08 11.14
C LEU B 107 -19.44 -20.49 12.54
N ARG B 108 -19.22 -19.60 13.50
CA ARG B 108 -19.63 -19.82 14.88
C ARG B 108 -20.64 -18.76 15.28
N SER B 109 -21.19 -18.92 16.48
CA SER B 109 -22.19 -17.97 16.97
C SER B 109 -21.58 -16.58 17.15
N ASP B 110 -20.28 -16.49 17.40
CA ASP B 110 -19.65 -15.19 17.63
C ASP B 110 -19.48 -14.39 16.34
N ASP B 111 -19.72 -15.00 15.18
CA ASP B 111 -19.51 -14.35 13.89
C ASP B 111 -20.77 -13.72 13.33
N ILE B 112 -21.85 -13.67 14.10
CA ILE B 112 -23.12 -13.13 13.63
C ILE B 112 -23.07 -11.61 13.76
N GLY B 113 -22.87 -10.92 12.64
CA GLY B 113 -22.85 -9.47 12.65
C GLY B 113 -22.52 -8.93 11.28
N LEU B 114 -22.62 -7.61 11.16
CA LEU B 114 -22.29 -6.94 9.92
C LEU B 114 -20.79 -7.05 9.63
N TYR B 115 -20.44 -7.03 8.35
CA TYR B 115 -19.06 -7.07 7.90
C TYR B 115 -18.79 -5.88 7.01
N TYR B 116 -17.74 -5.13 7.33
CA TYR B 116 -17.38 -3.91 6.64
C TYR B 116 -16.04 -4.08 5.95
N CYS B 117 -15.99 -3.70 4.68
CA CYS B 117 -14.72 -3.42 4.02
C CYS B 117 -14.14 -2.14 4.60
N ALA B 118 -12.84 -1.97 4.46
CA ALA B 118 -12.17 -0.77 4.96
C ALA B 118 -10.87 -0.57 4.22
N LYS B 119 -10.35 0.65 4.30
CA LYS B 119 -9.08 1.01 3.68
C LYS B 119 -8.17 1.58 4.77
N GLY B 120 -7.42 0.72 5.43
CA GLY B 120 -6.44 1.17 6.39
C GLY B 120 -5.19 1.69 5.72
N GLY B 121 -4.23 2.07 6.55
CA GLY B 121 -2.97 2.57 6.04
C GLY B 121 -2.13 1.48 5.41
N ILE B 122 -1.06 1.92 4.75
CA ILE B 122 -0.19 0.98 4.04
C ILE B 122 0.59 0.14 5.05
N PHE B 123 0.70 -1.15 4.78
CA PHE B 123 1.52 -2.04 5.58
C PHE B 123 2.89 -2.13 4.95
N TYR B 124 3.89 -1.57 5.62
CA TYR B 124 5.25 -1.54 5.11
C TYR B 124 5.93 -2.87 5.41
N ASN B 125 6.25 -3.63 4.36
CA ASN B 125 6.99 -4.86 4.52
C ASN B 125 8.38 -4.53 5.09
N PRO B 126 8.98 -5.45 5.83
CA PRO B 126 10.27 -5.14 6.48
C PRO B 126 11.33 -4.75 5.45
N SER B 127 12.17 -3.78 5.85
CA SER B 127 13.19 -3.24 4.96
C SER B 127 14.29 -2.61 5.81
N ARG B 128 15.14 -1.82 5.15
CA ARG B 128 16.20 -1.12 5.87
C ARG B 128 15.62 -0.15 6.90
N PHE B 129 14.57 0.58 6.53
CA PHE B 129 13.98 1.55 7.45
C PHE B 129 13.13 0.86 8.51
N TYR B 130 12.56 -0.31 8.19
CA TYR B 130 11.74 -1.08 9.12
C TYR B 130 12.34 -2.48 9.23
N TYR B 131 13.32 -2.63 10.12
CA TYR B 131 13.95 -3.94 10.30
C TYR B 131 13.07 -4.92 11.09
N PRO B 132 12.52 -4.57 12.26
CA PRO B 132 11.76 -5.60 13.01
C PRO B 132 10.34 -5.83 12.50
N ASN B 133 10.24 -6.64 11.45
CA ASN B 133 9.01 -7.18 10.87
C ASN B 133 8.11 -6.11 10.25
N GLY B 134 8.58 -4.89 10.04
CA GLY B 134 7.77 -3.85 9.43
C GLY B 134 6.75 -3.26 10.37
N ARG B 135 6.02 -2.27 9.88
CA ARG B 135 5.04 -1.55 10.67
C ARG B 135 3.81 -1.26 9.82
N LEU B 136 2.68 -1.06 10.49
CA LEU B 136 1.43 -0.65 9.86
C LEU B 136 1.21 0.82 10.20
N VAL B 137 1.31 1.69 9.20
CA VAL B 137 1.31 3.12 9.38
C VAL B 137 -0.04 3.69 8.95
N GLY B 138 -0.66 4.47 9.83
CA GLY B 138 -1.89 5.16 9.49
C GLY B 138 -3.08 4.28 9.24
N SER B 139 -3.28 3.22 10.03
CA SER B 139 -4.37 2.28 9.81
C SER B 139 -5.67 2.79 10.43
N ALA B 140 -6.10 3.96 9.95
CA ALA B 140 -7.39 4.52 10.31
C ALA B 140 -8.35 4.35 9.14
N PHE B 141 -9.52 3.78 9.44
CA PHE B 141 -10.46 3.37 8.40
C PHE B 141 -11.29 4.58 7.98
N ASP B 142 -10.77 5.33 7.01
CA ASP B 142 -11.48 6.50 6.51
C ASP B 142 -12.63 6.10 5.60
N ILE B 143 -12.49 4.99 4.88
CA ILE B 143 -13.46 4.55 3.90
C ILE B 143 -14.12 3.27 4.41
N TRP B 144 -15.44 3.29 4.57
CA TRP B 144 -16.21 2.17 5.09
C TRP B 144 -17.24 1.74 4.07
N GLY B 145 -17.41 0.43 3.93
CA GLY B 145 -18.44 -0.10 3.06
C GLY B 145 -19.81 -0.06 3.71
N GLN B 146 -20.82 -0.46 2.93
CA GLN B 146 -22.18 -0.45 3.44
C GLN B 146 -22.43 -1.57 4.45
N GLY B 147 -21.89 -2.75 4.18
CA GLY B 147 -22.04 -3.86 5.11
C GLY B 147 -22.93 -4.96 4.55
N THR B 148 -22.53 -6.20 4.81
CA THR B 148 -23.26 -7.38 4.37
C THR B 148 -23.40 -8.34 5.54
N MET B 149 -24.55 -8.31 6.21
CA MET B 149 -24.74 -9.09 7.42
C MET B 149 -24.84 -10.58 7.10
N VAL B 150 -24.12 -11.39 7.88
CA VAL B 150 -24.20 -12.85 7.81
C VAL B 150 -24.86 -13.34 9.10
N THR B 151 -25.66 -14.40 8.99
CA THR B 151 -26.41 -14.92 10.12
C THR B 151 -26.10 -16.41 10.27
N VAL B 152 -25.73 -16.81 11.49
CA VAL B 152 -25.50 -18.23 11.81
C VAL B 152 -26.74 -18.69 12.55
N SER B 153 -27.71 -19.22 11.81
CA SER B 153 -28.98 -19.66 12.36
C SER B 153 -29.30 -21.06 11.87
N SER B 154 -30.01 -21.82 12.69
CA SER B 154 -30.40 -23.18 12.34
C SER B 154 -31.73 -23.19 11.62
N GLU C 22 -3.92 -7.01 21.28
CA GLU C 22 -3.43 -7.32 22.62
C GLU C 22 -3.82 -6.22 23.60
N ILE C 23 -3.55 -4.97 23.23
CA ILE C 23 -3.85 -3.84 24.10
C ILE C 23 -5.36 -3.65 24.18
N VAL C 24 -5.82 -3.05 25.27
CA VAL C 24 -7.25 -2.82 25.52
C VAL C 24 -7.50 -1.33 25.48
N MET C 25 -8.50 -0.92 24.70
CA MET C 25 -8.95 0.46 24.63
C MET C 25 -10.26 0.58 25.39
N THR C 26 -10.31 1.52 26.34
CA THR C 26 -11.47 1.65 27.21
C THR C 26 -11.98 3.08 27.16
N GLN C 27 -13.29 3.23 26.97
CA GLN C 27 -13.96 4.52 27.06
C GLN C 27 -14.66 4.65 28.40
N SER C 28 -14.23 5.64 29.18
CA SER C 28 -14.82 5.85 30.51
C SER C 28 -16.31 6.17 30.43
N PRO C 29 -16.80 7.07 29.56
CA PRO C 29 -18.24 7.31 29.51
C PRO C 29 -19.00 6.17 28.85
N ALA C 30 -19.76 5.42 29.65
CA ALA C 30 -20.56 4.33 29.11
C ALA C 30 -21.73 4.88 28.29
N THR C 31 -22.44 5.87 28.83
CA THR C 31 -23.53 6.53 28.14
C THR C 31 -23.66 7.95 28.66
N LEU C 32 -23.72 8.92 27.76
CA LEU C 32 -23.76 10.33 28.10
C LEU C 32 -25.07 10.93 27.60
N SER C 33 -26.06 11.00 28.47
CA SER C 33 -27.33 11.66 28.17
C SER C 33 -27.20 13.12 28.60
N VAL C 34 -26.93 14.00 27.63
CA VAL C 34 -26.64 15.40 27.90
C VAL C 34 -27.51 16.25 26.99
N SER C 35 -28.10 17.31 27.55
CA SER C 35 -28.94 18.21 26.78
C SER C 35 -28.14 18.91 25.69
N PRO C 36 -28.76 19.19 24.54
CA PRO C 36 -28.02 19.83 23.44
C PRO C 36 -27.52 21.22 23.82
N GLY C 37 -26.37 21.58 23.25
CA GLY C 37 -25.75 22.86 23.54
C GLY C 37 -24.76 22.86 24.68
N GLU C 38 -24.28 21.70 25.12
CA GLU C 38 -23.33 21.59 26.21
C GLU C 38 -22.11 20.82 25.76
N ARG C 39 -20.95 21.15 26.33
CA ARG C 39 -19.72 20.43 26.01
C ARG C 39 -19.84 18.97 26.42
N ALA C 40 -19.29 18.09 25.58
CA ALA C 40 -19.22 16.67 25.89
C ALA C 40 -17.76 16.23 25.96
N THR C 41 -17.47 15.35 26.91
CA THR C 41 -16.12 14.86 27.14
C THR C 41 -16.13 13.34 27.08
N LEU C 42 -15.26 12.79 26.23
CA LEU C 42 -15.09 11.34 26.11
C LEU C 42 -13.63 11.01 26.38
N SER C 43 -13.38 10.07 27.29
CA SER C 43 -12.03 9.72 27.71
C SER C 43 -11.69 8.32 27.22
N CYS C 44 -10.58 8.20 26.50
CA CYS C 44 -10.11 6.92 25.98
C CYS C 44 -8.77 6.59 26.62
N ARG C 45 -8.66 5.39 27.18
CA ARG C 45 -7.45 4.95 27.85
C ARG C 45 -6.94 3.66 27.22
N ALA C 46 -5.63 3.57 27.02
CA ALA C 46 -4.99 2.43 26.40
C ALA C 46 -4.01 1.77 27.37
N SER C 47 -3.82 0.47 27.21
CA SER C 47 -2.91 -0.27 28.09
C SER C 47 -1.46 0.15 27.85
N GLN C 48 -1.07 0.33 26.59
CA GLN C 48 0.31 0.61 26.23
C GLN C 48 0.45 2.04 25.72
N ASN C 49 1.66 2.57 25.83
CA ASN C 49 1.95 3.90 25.31
C ASN C 49 1.72 3.94 23.80
N ILE C 50 0.74 4.76 23.38
CA ILE C 50 0.37 4.85 21.97
C ILE C 50 1.20 5.85 21.19
N SER C 51 1.70 6.89 21.85
CA SER C 51 2.49 7.95 21.19
C SER C 51 1.66 8.64 20.10
N ALA C 52 0.42 8.97 20.45
CA ALA C 52 -0.46 9.77 19.59
C ALA C 52 -0.75 9.09 18.26
N ASN C 53 -1.25 7.86 18.33
CA ASN C 53 -1.70 7.12 17.16
C ASN C 53 -3.13 6.60 17.31
N LEU C 54 -4.03 7.43 17.81
CA LEU C 54 -5.40 7.02 18.14
C LEU C 54 -6.38 7.90 17.39
N ALA C 55 -7.10 7.30 16.44
CA ALA C 55 -8.14 8.01 15.71
C ALA C 55 -9.47 7.88 16.43
N TRP C 56 -10.47 8.61 15.94
CA TRP C 56 -11.82 8.58 16.49
C TRP C 56 -12.83 8.37 15.38
N TYR C 57 -13.91 7.64 15.68
CA TYR C 57 -14.99 7.39 14.75
C TYR C 57 -16.31 7.67 15.42
N GLN C 58 -17.29 8.14 14.63
CA GLN C 58 -18.66 8.28 15.08
C GLN C 58 -19.56 7.49 14.14
N GLN C 59 -20.62 6.91 14.69
CA GLN C 59 -21.56 6.10 13.92
C GLN C 59 -22.97 6.50 14.30
N LYS C 60 -23.69 7.09 13.35
CA LYS C 60 -25.12 7.30 13.52
C LYS C 60 -25.86 6.00 13.18
N PRO C 61 -27.03 5.76 13.77
CA PRO C 61 -27.76 4.51 13.48
C PRO C 61 -28.09 4.40 12.00
N GLY C 62 -27.94 3.18 11.47
CA GLY C 62 -28.24 2.91 10.09
C GLY C 62 -27.17 3.33 9.10
N GLN C 63 -25.98 3.72 9.57
CA GLN C 63 -24.90 4.14 8.69
C GLN C 63 -23.60 3.55 9.19
N ALA C 64 -22.64 3.41 8.27
CA ALA C 64 -21.31 2.95 8.64
C ALA C 64 -20.58 4.04 9.42
N PRO C 65 -19.82 3.68 10.45
CA PRO C 65 -19.04 4.69 11.17
C PRO C 65 -18.03 5.36 10.25
N ARG C 66 -17.84 6.66 10.45
CA ARG C 66 -17.00 7.47 9.60
C ARG C 66 -15.86 8.07 10.41
N LEU C 67 -14.73 8.31 9.72
CA LEU C 67 -13.58 8.90 10.37
C LEU C 67 -13.91 10.30 10.87
N LEU C 68 -13.52 10.58 12.12
CA LEU C 68 -13.79 11.87 12.74
C LEU C 68 -12.51 12.63 13.05
N ILE C 69 -11.56 12.01 13.76
CA ILE C 69 -10.29 12.65 14.07
C ILE C 69 -9.16 11.67 13.83
N HIS C 70 -8.40 11.87 12.76
CA HIS C 70 -7.20 11.07 12.54
C HIS C 70 -6.04 11.67 13.32
N GLY C 71 -5.25 10.81 13.94
CA GLY C 71 -4.24 11.28 14.88
C GLY C 71 -4.85 11.66 16.20
N ALA C 72 -3.99 12.06 17.13
CA ALA C 72 -4.44 12.36 18.48
C ALA C 72 -5.40 13.54 18.51
N SER C 73 -5.08 14.62 17.79
CA SER C 73 -5.89 15.83 17.84
C SER C 73 -6.12 16.49 16.49
N THR C 74 -5.58 15.96 15.40
CA THR C 74 -5.71 16.58 14.10
C THR C 74 -7.09 16.27 13.54
N ARG C 75 -7.93 17.30 13.41
CA ARG C 75 -9.28 17.10 12.90
C ARG C 75 -9.22 16.68 11.43
N ALA C 76 -10.20 15.88 11.01
CA ALA C 76 -10.19 15.29 9.69
C ALA C 76 -10.95 16.16 8.68
N THR C 77 -10.90 15.73 7.42
CA THR C 77 -11.53 16.49 6.35
C THR C 77 -13.05 16.47 6.49
N GLY C 78 -13.67 17.63 6.26
CA GLY C 78 -15.11 17.74 6.29
C GLY C 78 -15.73 17.69 7.67
N VAL C 79 -14.94 17.82 8.72
CA VAL C 79 -15.42 17.73 10.10
C VAL C 79 -15.62 19.16 10.62
N PRO C 80 -16.78 19.47 11.20
CA PRO C 80 -16.95 20.81 11.80
C PRO C 80 -15.95 21.05 12.92
N GLY C 81 -15.62 22.33 13.11
CA GLY C 81 -14.58 22.67 14.07
C GLY C 81 -14.97 22.43 15.51
N ARG C 82 -16.25 22.15 15.77
CA ARG C 82 -16.69 21.94 17.15
C ARG C 82 -16.04 20.71 17.76
N PHE C 83 -15.89 19.64 16.99
CA PHE C 83 -15.18 18.46 17.48
C PHE C 83 -13.69 18.78 17.65
N SER C 84 -13.12 18.37 18.78
CA SER C 84 -11.71 18.59 19.04
C SER C 84 -11.12 17.38 19.73
N GLY C 85 -9.81 17.21 19.57
CA GLY C 85 -9.09 16.14 20.23
C GLY C 85 -8.01 16.69 21.14
N SER C 86 -7.63 15.91 22.14
CA SER C 86 -6.59 16.32 23.07
C SER C 86 -6.01 15.08 23.74
N GLY C 87 -4.92 15.27 24.46
CA GLY C 87 -4.27 14.19 25.17
C GLY C 87 -3.26 13.46 24.30
N SER C 88 -2.50 12.58 24.95
CA SER C 88 -1.43 11.85 24.30
C SER C 88 -0.96 10.74 25.22
N GLY C 89 0.00 9.95 24.74
CA GLY C 89 0.51 8.87 25.56
C GLY C 89 -0.55 7.81 25.79
N THR C 90 -0.88 7.58 27.06
CA THR C 90 -1.84 6.53 27.40
C THR C 90 -3.28 7.04 27.29
N GLU C 91 -3.50 8.32 27.61
CA GLU C 91 -4.86 8.86 27.73
C GLU C 91 -5.12 9.89 26.64
N PHE C 92 -6.28 9.77 25.99
CA PHE C 92 -6.72 10.71 24.98
C PHE C 92 -8.14 11.15 25.32
N THR C 93 -8.57 12.26 24.72
CA THR C 93 -9.87 12.84 25.03
C THR C 93 -10.47 13.45 23.76
N LEU C 94 -11.77 13.21 23.58
CA LEU C 94 -12.55 13.82 22.51
C LEU C 94 -13.52 14.80 23.14
N SER C 95 -13.48 16.05 22.69
CA SER C 95 -14.31 17.11 23.25
C SER C 95 -15.26 17.64 22.19
N ILE C 96 -16.55 17.55 22.47
CA ILE C 96 -17.55 18.20 21.63
C ILE C 96 -17.86 19.58 22.20
N SER C 97 -17.54 20.62 21.42
CA SER C 97 -17.71 21.98 21.89
C SER C 97 -19.18 22.32 22.13
N SER C 98 -20.05 21.92 21.20
CA SER C 98 -21.48 22.15 21.35
C SER C 98 -22.24 20.95 20.81
N LEU C 99 -23.28 20.56 21.53
CA LEU C 99 -24.09 19.40 21.18
C LEU C 99 -25.36 19.84 20.46
N GLN C 100 -25.58 19.28 19.27
CA GLN C 100 -26.72 19.60 18.45
C GLN C 100 -27.49 18.34 18.14
N SER C 101 -28.60 18.51 17.41
CA SER C 101 -29.39 17.35 17.01
C SER C 101 -28.68 16.48 15.99
N GLU C 102 -27.63 16.99 15.36
CA GLU C 102 -26.84 16.24 14.39
C GLU C 102 -25.62 15.57 15.00
N ASP C 103 -25.43 15.69 16.31
CA ASP C 103 -24.25 15.16 16.99
C ASP C 103 -24.55 13.93 17.84
N PHE C 104 -25.68 13.28 17.62
CA PHE C 104 -26.07 12.08 18.38
C PHE C 104 -25.62 10.85 17.61
N ALA C 105 -24.71 10.08 18.20
CA ALA C 105 -24.14 8.90 17.56
C ALA C 105 -23.41 8.10 18.64
N VAL C 106 -22.73 7.04 18.21
CA VAL C 106 -21.87 6.25 19.09
C VAL C 106 -20.43 6.43 18.66
N TYR C 107 -19.54 6.71 19.61
CA TYR C 107 -18.17 7.10 19.33
C TYR C 107 -17.21 6.02 19.78
N TYR C 108 -16.31 5.63 18.88
CA TYR C 108 -15.30 4.60 19.15
C TYR C 108 -13.91 5.19 18.93
N CYS C 109 -13.01 4.97 19.90
CA CYS C 109 -11.63 5.45 19.79
C CYS C 109 -10.75 4.29 19.34
N GLN C 110 -10.55 4.19 18.04
CA GLN C 110 -9.68 3.16 17.49
C GLN C 110 -8.22 3.58 17.60
N HIS C 111 -7.33 2.59 17.60
CA HIS C 111 -5.90 2.81 17.59
C HIS C 111 -5.30 2.12 16.37
N TYR C 112 -4.27 2.72 15.79
CA TYR C 112 -3.63 2.19 14.60
C TYR C 112 -2.11 2.09 14.85
N ASN C 113 -1.75 1.45 15.96
CA ASN C 113 -0.35 1.31 16.34
C ASN C 113 0.40 0.43 15.34
N ASN C 114 1.68 0.22 15.63
CA ASN C 114 2.58 -0.40 14.66
C ASN C 114 2.11 -1.79 14.25
N TRP C 115 1.64 -2.59 15.20
CA TRP C 115 1.26 -3.95 14.84
C TRP C 115 -0.25 -4.05 14.65
N PRO C 116 -0.71 -4.92 13.76
CA PRO C 116 -2.12 -4.90 13.34
C PRO C 116 -3.05 -5.71 14.24
N PRO C 117 -2.64 -6.11 15.46
CA PRO C 117 -3.77 -6.46 16.36
C PRO C 117 -4.52 -5.22 16.84
N LEU C 118 -5.24 -4.59 15.91
CA LEU C 118 -5.97 -3.36 16.21
C LEU C 118 -7.15 -3.65 17.13
N THR C 119 -7.38 -2.74 18.08
CA THR C 119 -8.48 -2.86 19.02
C THR C 119 -9.29 -1.57 19.02
N PHE C 120 -10.61 -1.69 18.91
CA PHE C 120 -11.50 -0.56 18.95
C PHE C 120 -11.87 -0.24 20.40
N GLY C 121 -12.87 0.62 20.59
CA GLY C 121 -13.32 0.98 21.92
C GLY C 121 -14.73 0.47 22.17
N GLY C 122 -15.11 0.49 23.45
CA GLY C 122 -16.43 0.01 23.81
C GLY C 122 -17.55 0.82 23.19
N GLY C 123 -17.41 2.13 23.20
CA GLY C 123 -18.43 2.99 22.61
C GLY C 123 -19.16 3.80 23.67
N THR C 124 -19.52 5.03 23.29
CA THR C 124 -20.23 5.96 24.17
C THR C 124 -21.58 6.28 23.57
N LYS C 125 -22.62 6.21 24.39
CA LYS C 125 -23.99 6.47 23.94
C LYS C 125 -24.35 7.93 24.25
N VAL C 126 -24.46 8.74 23.20
CA VAL C 126 -24.88 10.13 23.34
C VAL C 126 -26.37 10.19 23.05
N GLU C 127 -27.15 10.65 24.04
CA GLU C 127 -28.60 10.65 23.95
C GLU C 127 -29.14 12.03 24.28
N ILE C 128 -30.33 12.32 23.76
CA ILE C 128 -30.94 13.63 23.94
C ILE C 128 -31.38 13.80 25.39
N LYS C 129 -31.32 15.05 25.87
CA LYS C 129 -31.75 15.42 27.22
C LYS C 129 -30.99 14.66 28.29
C1 NAG D . 27.09 -14.15 -17.18
C2 NAG D . 27.43 -13.81 -18.63
C3 NAG D . 26.99 -14.95 -19.55
C4 NAG D . 27.58 -16.26 -19.08
C5 NAG D . 27.24 -16.51 -17.61
C6 NAG D . 27.91 -17.75 -17.05
C7 NAG D . 27.38 -11.71 -19.90
C8 NAG D . 26.59 -10.47 -20.21
N2 NAG D . 26.81 -12.56 -19.04
O3 NAG D . 27.41 -14.66 -20.88
O4 NAG D . 27.07 -17.34 -19.87
O5 NAG D . 27.69 -15.40 -16.82
O6 NAG D . 27.75 -17.82 -15.64
O7 NAG D . 28.47 -11.94 -20.41
#